data_4EUH
#
_entry.id   4EUH
#
_cell.length_a   58.054
_cell.length_b   77.588
_cell.length_c   107.224
_cell.angle_alpha   90.000
_cell.angle_beta   90.000
_cell.angle_gamma   90.000
#
_symmetry.space_group_name_H-M   'P 21 21 21'
#
loop_
_entity.id
_entity.type
_entity.pdbx_description
1 polymer 'Putative reductase CA_C0462'
2 non-polymer 'SODIUM ION'
3 water water
#
_entity_poly.entity_id   1
_entity_poly.type   'polypeptide(L)'
_entity_poly.pdbx_seq_one_letter_code
;(MSE)GSSHHHHHHSSGLVPRGSH(MSE)IVKAKFVKGFIRDVHPYGCRREVLNQIDYCKKAIGFRGPKKVLIVGASSGF
GLATRISVAFGGPEAHTIGVSYETGATDRRIGTAGWYNNIFFKEFAKKKGLVAKNFIEDAFSNETKDKVIKYIKDEFGKI
DLFVYSLAAPRRKDYKTGNVYTSRIKTILGDFEGPTIDVERDEITLKKVSSASIEEIEETRKV(MSE)GGEDWQEWCEEL
LYEDCFSDKATTIAYSYIGSPRTYKIYREGTIGIAKKDLEDKAKLINEKLNRVIGGRAFVSVNKALVTKASAYIPTFPLY
AAILYKV(MSE)KEKNIHENCI(MSE)QIER(MSE)FSEKIYSNEKIQFDDKGRLR(MSE)DDLELRKDVQDEVDRIWSN
ITPENFKELSDYKGYKKEF(MSE)NLNGFDLDGVDYSKDLDIELLRKLEP
;
_entity_poly.pdbx_strand_id   A
#
loop_
_chem_comp.id
_chem_comp.type
_chem_comp.name
_chem_comp.formula
NA non-polymer 'SODIUM ION' 'Na 1'
#
# COMPACT_ATOMS: atom_id res chain seq x y z
N HIS A 20 -18.82 21.40 14.24
CA HIS A 20 -19.55 20.27 14.91
C HIS A 20 -20.54 19.64 13.93
N MSE A 21 -20.12 18.56 13.28
CA MSE A 21 -20.91 17.95 12.20
C MSE A 21 -20.88 16.42 12.17
O MSE A 21 -19.96 15.79 12.68
CB MSE A 21 -20.44 18.50 10.84
CG MSE A 21 -18.96 18.23 10.52
SE MSE A 21 -18.52 18.49 8.64
CE MSE A 21 -18.85 20.41 8.49
N ILE A 22 -21.90 15.85 11.55
CA ILE A 22 -21.98 14.40 11.31
C ILE A 22 -21.41 14.07 9.92
N VAL A 23 -20.42 13.18 9.89
CA VAL A 23 -19.82 12.77 8.63
C VAL A 23 -20.48 11.48 8.13
N LYS A 24 -20.96 11.53 6.90
CA LYS A 24 -21.67 10.40 6.28
C LYS A 24 -20.90 9.90 5.07
N ALA A 25 -21.21 8.68 4.64
CA ALA A 25 -20.63 8.12 3.42
C ALA A 25 -21.46 8.48 2.19
N LYS A 26 -21.07 9.57 1.52
CA LYS A 26 -21.71 10.02 0.30
C LYS A 26 -20.90 9.55 -0.91
N PHE A 27 -21.54 8.80 -1.80
CA PHE A 27 -20.89 8.34 -3.02
C PHE A 27 -21.06 9.35 -4.15
N VAL A 28 -19.94 9.72 -4.77
CA VAL A 28 -19.98 10.52 -5.98
C VAL A 28 -19.08 9.88 -7.04
N LYS A 29 -19.70 9.50 -8.15
CA LYS A 29 -19.05 8.77 -9.24
C LYS A 29 -18.23 7.56 -8.74
N GLY A 30 -18.87 6.78 -7.87
CA GLY A 30 -18.31 5.51 -7.39
C GLY A 30 -17.42 5.58 -6.16
N PHE A 31 -17.02 6.78 -5.75
CA PHE A 31 -16.12 6.94 -4.62
C PHE A 31 -16.72 7.76 -3.48
N ILE A 32 -16.35 7.41 -2.25
CA ILE A 32 -16.81 8.12 -1.06
C ILE A 32 -16.10 9.47 -0.97
N ARG A 33 -16.88 10.52 -0.71
CA ARG A 33 -16.35 11.88 -0.71
C ARG A 33 -15.53 12.20 0.54
N ASP A 34 -16.12 12.00 1.70
CA ASP A 34 -15.48 12.37 2.96
C ASP A 34 -14.84 11.16 3.62
N VAL A 35 -13.95 11.40 4.57
CA VAL A 35 -13.45 10.33 5.42
C VAL A 35 -13.95 10.57 6.85
N HIS A 36 -14.14 9.49 7.60
CA HIS A 36 -14.46 9.59 9.01
C HIS A 36 -13.13 9.45 9.80
N PRO A 37 -12.62 10.57 10.35
CA PRO A 37 -11.30 10.56 11.02
C PRO A 37 -11.16 9.58 12.18
N TYR A 38 -12.22 9.39 12.96
CA TYR A 38 -12.15 8.48 14.11
C TYR A 38 -12.30 7.02 13.69
N GLY A 39 -12.95 6.79 12.56
CA GLY A 39 -12.92 5.49 11.91
C GLY A 39 -11.50 5.17 11.48
N CYS A 40 -10.80 6.18 10.96
CA CYS A 40 -9.39 6.02 10.57
C CYS A 40 -8.52 5.69 11.78
N ARG A 41 -8.78 6.38 12.89
CA ARG A 41 -8.09 6.13 14.17
C ARG A 41 -8.26 4.67 14.62
N ARG A 42 -9.49 4.21 14.56
CA ARG A 42 -9.83 2.83 14.93
C ARG A 42 -9.13 1.81 14.03
N GLU A 43 -9.13 2.06 12.71
CA GLU A 43 -8.42 1.18 11.77
C GLU A 43 -6.92 1.10 12.10
N VAL A 44 -6.29 2.25 12.35
CA VAL A 44 -4.91 2.29 12.83
C VAL A 44 -4.75 1.43 14.09
N LEU A 45 -5.68 1.59 15.04
CA LEU A 45 -5.63 0.89 16.31
C LEU A 45 -5.84 -0.62 16.14
N ASN A 46 -6.69 -1.03 15.21
CA ASN A 46 -6.87 -2.45 14.90
C ASN A 46 -5.59 -3.09 14.38
N GLN A 47 -4.89 -2.36 13.51
CA GLN A 47 -3.63 -2.87 12.97
C GLN A 47 -2.56 -2.95 14.06
N ILE A 48 -2.48 -1.91 14.90
CA ILE A 48 -1.56 -1.88 16.04
C ILE A 48 -1.82 -3.08 16.96
N ASP A 49 -3.09 -3.31 17.27
CA ASP A 49 -3.51 -4.43 18.09
C ASP A 49 -3.10 -5.78 17.53
N TYR A 50 -3.30 -5.97 16.23
CA TYR A 50 -2.84 -7.17 15.58
C TYR A 50 -1.33 -7.36 15.79
N CYS A 51 -0.56 -6.30 15.55
CA CYS A 51 0.88 -6.39 15.66
C CYS A 51 1.36 -6.62 17.09
N LYS A 52 0.70 -5.96 18.05
CA LYS A 52 1.04 -6.13 19.47
C LYS A 52 0.84 -7.57 19.97
N LYS A 53 -0.11 -8.27 19.36
CA LYS A 53 -0.45 -9.62 19.81
C LYS A 53 0.18 -10.75 18.99
N ALA A 54 0.78 -10.41 17.86
CA ALA A 54 1.43 -11.39 16.97
C ALA A 54 2.68 -11.97 17.62
N ILE A 55 3.18 -13.09 17.08
CA ILE A 55 4.37 -13.75 17.65
C ILE A 55 5.54 -12.77 17.91
N GLY A 56 5.77 -11.85 16.98
CA GLY A 56 6.78 -10.83 17.21
C GLY A 56 8.08 -11.13 16.47
N PHE A 57 8.76 -10.08 16.05
CA PHE A 57 10.05 -10.20 15.37
C PHE A 57 10.99 -9.07 15.81
N ARG A 58 12.26 -9.20 15.44
CA ARG A 58 13.30 -8.25 15.81
C ARG A 58 14.15 -7.96 14.60
N GLY A 59 14.82 -6.82 14.60
CA GLY A 59 15.75 -6.49 13.52
C GLY A 59 15.85 -5.00 13.33
N PRO A 60 14.88 -4.41 12.59
CA PRO A 60 14.97 -2.99 12.26
C PRO A 60 14.91 -2.09 13.49
N LYS A 61 15.69 -1.01 13.46
CA LYS A 61 15.72 -0.07 14.57
C LYS A 61 15.31 1.31 14.09
N LYS A 62 15.82 1.69 12.92
CA LYS A 62 15.58 3.00 12.36
C LYS A 62 15.08 2.81 10.93
N VAL A 63 13.84 3.23 10.68
CA VAL A 63 13.14 2.87 9.45
C VAL A 63 12.61 4.12 8.73
N LEU A 64 12.90 4.22 7.43
CA LEU A 64 12.34 5.25 6.58
C LEU A 64 11.26 4.62 5.71
N ILE A 65 10.09 5.23 5.67
CA ILE A 65 9.05 4.75 4.77
C ILE A 65 8.54 5.89 3.92
N VAL A 66 8.69 5.75 2.60
CA VAL A 66 8.13 6.69 1.66
C VAL A 66 6.80 6.12 1.19
N GLY A 67 5.72 6.84 1.46
CA GLY A 67 4.37 6.36 1.18
C GLY A 67 3.79 5.75 2.45
N ALA A 68 4.04 6.40 3.58
CA ALA A 68 3.79 5.83 4.92
C ALA A 68 2.39 6.03 5.47
N SER A 69 1.56 6.79 4.76
CA SER A 69 0.27 7.22 5.31
C SER A 69 -0.88 6.23 5.16
N SER A 70 -0.78 5.28 4.24
CA SER A 70 -1.87 4.31 4.05
C SER A 70 -1.39 3.02 3.42
N GLY A 71 -2.32 2.08 3.27
CA GLY A 71 -2.04 0.81 2.62
C GLY A 71 -0.78 0.16 3.16
N PHE A 72 0.05 -0.34 2.25
CA PHE A 72 1.23 -1.10 2.63
C PHE A 72 2.29 -0.31 3.40
N GLY A 73 2.42 0.98 3.11
CA GLY A 73 3.37 1.85 3.81
C GLY A 73 2.99 2.00 5.27
N LEU A 74 1.71 2.23 5.52
CA LEU A 74 1.20 2.33 6.87
C LEU A 74 1.32 1.01 7.65
N ALA A 75 0.92 -0.10 7.03
CA ALA A 75 1.08 -1.42 7.65
C ALA A 75 2.55 -1.71 7.96
N THR A 76 3.44 -1.30 7.05
CA THR A 76 4.87 -1.45 7.27
C THR A 76 5.32 -0.70 8.53
N ARG A 77 4.86 0.54 8.67
CA ARG A 77 5.22 1.40 9.77
C ARG A 77 4.72 0.84 11.10
N ILE A 78 3.45 0.41 11.10
CA ILE A 78 2.83 -0.15 12.28
C ILE A 78 3.53 -1.44 12.70
N SER A 79 3.86 -2.28 11.73
CA SER A 79 4.55 -3.55 11.96
C SER A 79 5.93 -3.42 12.62
N VAL A 80 6.77 -2.52 12.10
CA VAL A 80 8.11 -2.31 12.67
C VAL A 80 8.07 -1.61 14.03
N ALA A 81 7.04 -0.79 14.26
CA ALA A 81 6.91 -0.05 15.52
C ALA A 81 6.28 -0.87 16.64
N PHE A 82 5.27 -1.67 16.30
CA PHE A 82 4.46 -2.40 17.28
C PHE A 82 4.60 -3.91 17.20
N GLY A 83 5.20 -4.39 16.11
CA GLY A 83 5.35 -5.83 15.90
C GLY A 83 6.54 -6.47 16.60
N GLY A 84 7.21 -5.72 17.47
CA GLY A 84 8.34 -6.27 18.24
C GLY A 84 9.67 -5.54 18.18
N PRO A 85 10.02 -4.96 17.01
CA PRO A 85 11.32 -4.27 16.91
C PRO A 85 11.37 -2.94 17.66
N GLU A 86 10.20 -2.39 17.98
CA GLU A 86 10.08 -1.04 18.56
C GLU A 86 10.89 -0.05 17.75
N ALA A 87 10.70 -0.06 16.43
CA ALA A 87 11.48 0.78 15.54
C ALA A 87 11.02 2.21 15.57
N HIS A 88 11.97 3.14 15.54
CA HIS A 88 11.70 4.53 15.25
C HIS A 88 11.50 4.62 13.74
N THR A 89 10.60 5.50 13.32
CA THR A 89 10.18 5.56 11.95
C THR A 89 10.10 6.99 11.44
N ILE A 90 10.41 7.16 10.16
CA ILE A 90 10.14 8.40 9.45
C ILE A 90 9.14 8.05 8.36
N GLY A 91 8.07 8.82 8.27
CA GLY A 91 7.09 8.57 7.24
C GLY A 91 7.04 9.76 6.31
N VAL A 92 7.18 9.52 5.02
CA VAL A 92 7.01 10.56 4.02
C VAL A 92 5.72 10.28 3.25
N SER A 93 4.86 11.29 3.13
CA SER A 93 3.59 11.17 2.44
C SER A 93 3.09 12.56 2.09
N TYR A 94 2.33 12.69 1.00
CA TYR A 94 1.58 13.92 0.77
C TYR A 94 0.11 13.70 1.15
N GLU A 95 -0.34 14.45 2.14
CA GLU A 95 -1.73 14.37 2.62
C GLU A 95 -2.20 15.76 2.99
N THR A 96 -3.51 15.98 3.02
CA THR A 96 -4.03 17.29 3.41
C THR A 96 -5.05 17.20 4.54
N GLY A 97 -5.02 18.18 5.42
CA GLY A 97 -5.88 18.17 6.59
C GLY A 97 -7.21 18.85 6.39
N ALA A 98 -7.88 19.14 7.51
CA ALA A 98 -9.16 19.81 7.51
C ALA A 98 -9.02 21.28 7.14
N THR A 99 -9.98 21.77 6.35
CA THR A 99 -10.09 23.18 6.03
C THR A 99 -11.53 23.61 6.29
N ASP A 100 -11.89 24.79 5.78
CA ASP A 100 -13.24 25.30 5.88
C ASP A 100 -14.27 24.39 5.23
N ARG A 101 -13.82 23.61 4.24
CA ARG A 101 -14.73 22.85 3.39
C ARG A 101 -14.43 21.37 3.30
N ARG A 102 -13.23 20.97 3.70
CA ARG A 102 -12.82 19.59 3.59
C ARG A 102 -12.47 19.03 4.97
N ILE A 103 -12.72 17.74 5.14
CA ILE A 103 -12.44 17.05 6.40
C ILE A 103 -10.96 16.63 6.48
N GLY A 104 -10.37 16.30 5.35
CA GLY A 104 -8.98 15.84 5.32
C GLY A 104 -8.92 14.42 4.77
N THR A 105 -7.76 14.03 4.26
CA THR A 105 -7.60 12.68 3.72
C THR A 105 -7.41 11.67 4.84
N ALA A 106 -7.77 10.41 4.55
CA ALA A 106 -7.55 9.31 5.49
C ALA A 106 -6.09 9.23 5.92
N GLY A 107 -5.19 9.30 4.94
CA GLY A 107 -3.75 9.26 5.19
C GLY A 107 -3.27 10.35 6.12
N TRP A 108 -3.86 11.54 5.98
CA TRP A 108 -3.56 12.66 6.85
C TRP A 108 -3.79 12.27 8.31
N TYR A 109 -4.93 11.63 8.56
CA TYR A 109 -5.30 11.19 9.90
C TYR A 109 -4.53 9.96 10.36
N ASN A 110 -4.31 9.01 9.45
CA ASN A 110 -3.49 7.84 9.77
C ASN A 110 -2.11 8.24 10.32
N ASN A 111 -1.48 9.23 9.68
CA ASN A 111 -0.19 9.79 10.12
C ASN A 111 -0.24 10.32 11.54
N ILE A 112 -1.27 11.14 11.81
CA ILE A 112 -1.48 11.78 13.09
C ILE A 112 -1.69 10.74 14.19
N PHE A 113 -2.65 9.85 13.98
CA PHE A 113 -2.96 8.81 14.95
C PHE A 113 -1.83 7.80 15.13
N PHE A 114 -1.15 7.41 14.04
CA PHE A 114 0.04 6.59 14.21
C PHE A 114 1.04 7.26 15.16
N LYS A 115 1.32 8.54 14.92
CA LYS A 115 2.29 9.30 15.72
C LYS A 115 1.88 9.35 17.19
N GLU A 116 0.60 9.62 17.45
CA GLU A 116 0.07 9.63 18.82
C GLU A 116 0.38 8.30 19.53
N PHE A 117 0.04 7.19 18.89
CA PHE A 117 0.20 5.88 19.52
C PHE A 117 1.67 5.44 19.64
N ALA A 118 2.47 5.76 18.63
CA ALA A 118 3.91 5.48 18.65
C ALA A 118 4.65 6.22 19.77
N LYS A 119 4.31 7.49 19.96
CA LYS A 119 4.92 8.31 21.01
C LYS A 119 4.53 7.84 22.42
N LYS A 120 3.28 7.40 22.58
CA LYS A 120 2.84 6.78 23.83
C LYS A 120 3.73 5.59 24.22
N LYS A 121 4.33 4.95 23.22
CA LYS A 121 5.26 3.86 23.46
C LYS A 121 6.72 4.32 23.54
N GLY A 122 6.92 5.64 23.53
CA GLY A 122 8.25 6.23 23.62
C GLY A 122 9.07 6.07 22.35
N LEU A 123 8.40 5.97 21.20
CA LEU A 123 9.09 5.85 19.92
C LEU A 123 9.07 7.17 19.16
N VAL A 124 10.09 7.37 18.33
CA VAL A 124 10.12 8.48 17.39
C VAL A 124 9.24 8.12 16.18
N ALA A 125 8.37 9.05 15.81
CA ALA A 125 7.50 8.90 14.66
C ALA A 125 7.39 10.24 13.94
N LYS A 126 8.41 10.52 13.13
CA LYS A 126 8.49 11.75 12.37
C LYS A 126 7.63 11.66 11.11
N ASN A 127 6.86 12.71 10.83
CA ASN A 127 6.17 12.80 9.56
C ASN A 127 6.70 13.96 8.71
N PHE A 128 7.02 13.67 7.45
CA PHE A 128 7.25 14.71 6.46
C PHE A 128 6.07 14.71 5.51
N ILE A 129 5.25 15.76 5.58
CA ILE A 129 4.12 15.91 4.68
C ILE A 129 4.61 16.66 3.47
N GLU A 130 4.99 15.91 2.44
CA GLU A 130 5.89 16.41 1.43
C GLU A 130 5.73 15.59 0.16
N ASP A 131 6.08 16.17 -0.97
CA ASP A 131 6.11 15.44 -2.23
C ASP A 131 7.42 14.66 -2.30
N ALA A 132 7.33 13.33 -2.25
CA ALA A 132 8.50 12.46 -2.19
C ALA A 132 9.36 12.50 -3.45
N PHE A 133 8.75 12.94 -4.56
CA PHE A 133 9.45 12.99 -5.85
C PHE A 133 10.49 14.11 -5.95
N SER A 134 10.33 15.18 -5.17
CA SER A 134 11.19 16.35 -5.30
C SER A 134 12.55 16.19 -4.61
N ASN A 135 13.56 16.84 -5.16
CA ASN A 135 14.90 16.89 -4.57
C ASN A 135 14.93 17.59 -3.22
N GLU A 136 14.06 18.60 -3.07
CA GLU A 136 13.91 19.32 -1.80
C GLU A 136 13.52 18.36 -0.68
N THR A 137 12.56 17.48 -0.96
CA THR A 137 12.08 16.53 0.03
C THR A 137 13.17 15.56 0.44
N LYS A 138 13.89 15.03 -0.55
CA LYS A 138 15.02 14.14 -0.26
C LYS A 138 16.05 14.85 0.65
N ASP A 139 16.47 16.05 0.25
CA ASP A 139 17.40 16.86 1.07
C ASP A 139 16.91 17.03 2.52
N LYS A 140 15.63 17.41 2.68
CA LYS A 140 15.02 17.58 4.00
C LYS A 140 15.08 16.32 4.83
N VAL A 141 14.74 15.20 4.22
CA VAL A 141 14.75 13.91 4.93
C VAL A 141 16.18 13.53 5.29
N ILE A 142 17.08 13.59 4.31
CA ILE A 142 18.51 13.35 4.55
C ILE A 142 19.06 14.21 5.70
N LYS A 143 18.72 15.50 5.71
CA LYS A 143 19.21 16.41 6.76
C LYS A 143 18.75 15.92 8.14
N TYR A 144 17.49 15.49 8.21
CA TYR A 144 16.92 14.97 9.46
C TYR A 144 17.62 13.69 9.91
N ILE A 145 17.95 12.82 8.95
CA ILE A 145 18.65 11.57 9.26
C ILE A 145 20.06 11.84 9.82
N LYS A 146 20.81 12.72 9.16
CA LYS A 146 22.17 13.06 9.58
C LYS A 146 22.19 13.82 10.90
N ASP A 147 21.29 14.80 11.04
CA ASP A 147 21.26 15.66 12.22
C ASP A 147 20.67 15.00 13.47
N GLU A 148 19.57 14.27 13.31
CA GLU A 148 18.76 13.88 14.47
C GLU A 148 18.43 12.39 14.55
N PHE A 149 18.04 11.79 13.44
CA PHE A 149 17.50 10.42 13.45
C PHE A 149 18.56 9.35 13.68
N GLY A 150 19.68 9.45 12.96
CA GLY A 150 20.67 8.37 12.93
C GLY A 150 20.43 7.49 11.70
N LYS A 151 21.46 6.72 11.35
CA LYS A 151 21.42 5.93 10.13
C LYS A 151 20.25 4.95 10.07
N ILE A 152 19.81 4.65 8.85
CA ILE A 152 18.63 3.84 8.57
C ILE A 152 19.00 2.41 8.21
N ASP A 153 18.34 1.44 8.83
CA ASP A 153 18.61 0.03 8.50
C ASP A 153 17.57 -0.58 7.57
N LEU A 154 16.44 0.10 7.42
CA LEU A 154 15.38 -0.36 6.52
C LEU A 154 14.71 0.83 5.83
N PHE A 155 14.62 0.75 4.52
CA PHE A 155 13.97 1.79 3.74
C PHE A 155 12.90 1.15 2.88
N VAL A 156 11.64 1.49 3.14
CA VAL A 156 10.54 0.91 2.37
C VAL A 156 9.91 1.98 1.51
N TYR A 157 9.93 1.72 0.20
CA TYR A 157 9.34 2.61 -0.78
C TYR A 157 7.98 2.06 -1.20
N SER A 158 6.92 2.70 -0.72
CA SER A 158 5.57 2.27 -1.02
C SER A 158 4.70 3.45 -1.43
N LEU A 159 5.26 4.38 -2.19
CA LEU A 159 4.48 5.47 -2.73
C LEU A 159 3.60 4.96 -3.88
N ALA A 160 2.30 5.20 -3.78
CA ALA A 160 1.38 4.91 -4.86
C ALA A 160 0.68 6.21 -5.26
N ALA A 161 1.47 7.14 -5.81
CA ALA A 161 0.98 8.44 -6.23
C ALA A 161 0.32 8.35 -7.61
N PRO A 162 -0.72 9.17 -7.85
CA PRO A 162 -1.40 9.16 -9.17
C PRO A 162 -0.61 9.95 -10.22
N ARG A 163 0.24 10.86 -9.78
CA ARG A 163 1.04 11.67 -10.70
C ARG A 163 2.41 12.02 -10.14
N ARG A 164 3.28 12.53 -11.01
CA ARG A 164 4.63 12.95 -10.65
C ARG A 164 5.01 14.24 -11.38
N LYS A 165 5.37 15.26 -10.58
CA LYS A 165 5.87 16.53 -11.10
C LYS A 165 7.39 16.49 -11.21
N ASP A 166 7.92 16.99 -12.32
CA ASP A 166 9.37 17.05 -12.52
C ASP A 166 9.93 18.36 -11.95
N THR A 169 11.14 22.52 -17.35
CA THR A 169 11.37 21.34 -16.52
C THR A 169 10.05 20.76 -16.00
N GLY A 170 9.14 21.64 -15.59
CA GLY A 170 7.94 21.28 -14.82
C GLY A 170 6.88 20.42 -15.49
N ASN A 171 7.31 19.35 -16.13
CA ASN A 171 6.41 18.36 -16.72
C ASN A 171 5.70 17.56 -15.64
N VAL A 172 4.42 17.28 -15.87
CA VAL A 172 3.63 16.44 -14.97
C VAL A 172 3.31 15.12 -15.67
N TYR A 173 3.70 14.02 -15.03
CA TYR A 173 3.44 12.68 -15.56
C TYR A 173 2.29 12.04 -14.80
N THR A 174 1.34 11.46 -15.53
CA THR A 174 0.16 10.85 -14.91
C THR A 174 0.11 9.34 -15.18
N SER A 175 0.00 8.59 -14.08
CA SER A 175 -0.16 7.15 -14.13
C SER A 175 -1.51 6.79 -14.75
N ARG A 176 -1.54 5.75 -15.57
CA ARG A 176 -2.79 5.28 -16.16
C ARG A 176 -2.85 3.78 -16.01
N ILE A 177 -4.06 3.25 -15.94
CA ILE A 177 -4.27 1.82 -15.82
C ILE A 177 -4.91 1.33 -17.12
N LYS A 178 -4.07 0.89 -18.05
CA LYS A 178 -4.53 0.50 -19.38
C LYS A 178 -3.76 -0.71 -19.90
N THR A 179 -4.27 -1.27 -20.97
CA THR A 179 -3.58 -2.33 -21.70
C THR A 179 -2.60 -1.68 -22.67
N ILE A 180 -1.71 -2.47 -23.24
CA ILE A 180 -0.85 -1.94 -24.31
C ILE A 180 -1.36 -2.36 -25.68
N LEU A 181 -2.33 -3.28 -25.69
CA LEU A 181 -2.95 -3.77 -26.91
C LEU A 181 -4.36 -4.26 -26.59
N GLY A 182 -5.35 -3.68 -27.27
CA GLY A 182 -6.72 -4.18 -27.20
C GLY A 182 -7.49 -3.79 -25.95
N ASP A 183 -8.72 -4.29 -25.87
CA ASP A 183 -9.61 -3.97 -24.78
C ASP A 183 -9.47 -4.98 -23.65
N PHE A 184 -9.65 -4.50 -22.42
CA PHE A 184 -9.79 -5.38 -21.28
C PHE A 184 -11.12 -5.06 -20.63
N GLU A 185 -12.00 -6.05 -20.58
CA GLU A 185 -13.33 -5.83 -20.02
C GLU A 185 -13.78 -6.95 -19.11
N GLY A 186 -14.66 -6.62 -18.18
CA GLY A 186 -15.17 -7.59 -17.22
C GLY A 186 -15.85 -6.94 -16.04
N PRO A 187 -16.25 -7.76 -15.06
CA PRO A 187 -17.04 -7.26 -13.94
C PRO A 187 -16.25 -6.43 -12.94
N THR A 188 -16.85 -5.33 -12.48
CA THR A 188 -16.38 -4.62 -11.30
C THR A 188 -17.49 -4.72 -10.27
N ILE A 189 -17.18 -4.35 -9.03
CA ILE A 189 -18.17 -4.35 -7.96
C ILE A 189 -18.59 -2.91 -7.64
N ASP A 190 -19.89 -2.64 -7.79
CA ASP A 190 -20.46 -1.37 -7.40
C ASP A 190 -20.95 -1.50 -5.97
N VAL A 191 -20.16 -0.94 -5.05
CA VAL A 191 -20.40 -1.03 -3.62
C VAL A 191 -21.65 -0.26 -3.18
N GLU A 192 -21.95 0.81 -3.91
CA GLU A 192 -23.11 1.68 -3.64
C GLU A 192 -24.45 0.96 -3.84
N ARG A 193 -24.53 0.17 -4.91
CA ARG A 193 -25.77 -0.49 -5.28
C ARG A 193 -25.75 -1.98 -4.96
N ASP A 194 -24.61 -2.45 -4.45
CA ASP A 194 -24.41 -3.87 -4.15
C ASP A 194 -24.64 -4.72 -5.40
N GLU A 195 -24.02 -4.33 -6.51
CA GLU A 195 -24.18 -5.06 -7.75
C GLU A 195 -22.89 -5.15 -8.57
N ILE A 196 -22.84 -6.15 -9.44
CA ILE A 196 -21.77 -6.27 -10.44
C ILE A 196 -22.10 -5.38 -11.62
N THR A 197 -21.06 -4.74 -12.16
CA THR A 197 -21.20 -3.85 -13.30
C THR A 197 -20.05 -4.13 -14.25
N LEU A 198 -20.36 -4.30 -15.54
CA LEU A 198 -19.33 -4.56 -16.52
C LEU A 198 -18.63 -3.27 -16.93
N LYS A 199 -17.31 -3.33 -17.02
CA LYS A 199 -16.50 -2.18 -17.41
C LYS A 199 -15.43 -2.58 -18.39
N LYS A 200 -14.89 -1.57 -19.07
CA LYS A 200 -13.88 -1.78 -20.08
C LYS A 200 -12.80 -0.72 -19.98
N VAL A 201 -11.56 -1.15 -20.15
CA VAL A 201 -10.43 -0.26 -20.31
C VAL A 201 -9.73 -0.63 -21.61
N SER A 202 -9.12 0.35 -22.26
CA SER A 202 -8.51 0.10 -23.57
C SER A 202 -7.01 0.41 -23.60
N SER A 203 -6.46 0.41 -24.82
CA SER A 203 -5.02 0.57 -25.07
C SER A 203 -4.48 1.94 -24.70
N ALA A 204 -3.27 1.95 -24.13
CA ALA A 204 -2.58 3.19 -23.77
C ALA A 204 -1.79 3.74 -24.95
N SER A 205 -1.56 5.05 -24.95
CA SER A 205 -0.66 5.65 -25.93
C SER A 205 0.79 5.44 -25.49
N ILE A 206 1.72 5.67 -26.42
CA ILE A 206 3.15 5.59 -26.13
C ILE A 206 3.51 6.51 -24.97
N GLU A 207 3.04 7.76 -25.03
CA GLU A 207 3.30 8.71 -23.95
C GLU A 207 2.72 8.28 -22.61
N GLU A 208 1.54 7.66 -22.64
CA GLU A 208 0.89 7.16 -21.43
C GLU A 208 1.68 6.02 -20.77
N ILE A 209 2.26 5.15 -21.60
CA ILE A 209 3.11 4.06 -21.10
C ILE A 209 4.32 4.67 -20.38
N GLU A 210 4.99 5.62 -21.04
CA GLU A 210 6.15 6.29 -20.48
C GLU A 210 5.84 7.04 -19.18
N GLU A 211 4.74 7.78 -19.17
CA GLU A 211 4.37 8.52 -17.97
C GLU A 211 4.10 7.58 -16.81
N THR A 212 3.37 6.48 -17.08
CA THR A 212 3.08 5.50 -16.04
C THR A 212 4.38 4.89 -15.51
N ARG A 213 5.33 4.64 -16.41
CA ARG A 213 6.64 4.14 -15.99
C ARG A 213 7.38 5.15 -15.11
N LYS A 214 7.28 6.43 -15.45
CA LYS A 214 7.89 7.49 -14.64
C LYS A 214 7.29 7.56 -13.24
N VAL A 215 5.98 7.37 -13.13
CA VAL A 215 5.28 7.49 -11.84
C VAL A 215 5.41 6.23 -10.99
N MSE A 216 5.17 5.08 -11.58
CA MSE A 216 5.04 3.81 -10.88
CA MSE A 216 5.07 3.85 -10.81
C MSE A 216 6.29 2.93 -10.94
O MSE A 216 6.42 1.97 -10.18
CB MSE A 216 3.89 3.00 -11.49
CB MSE A 216 3.77 3.10 -11.14
CG MSE A 216 2.51 3.35 -11.00
CG MSE A 216 2.49 3.83 -10.69
SE MSE A 216 1.28 1.96 -11.59
SE MSE A 216 2.34 4.10 -8.76
CE MSE A 216 -0.25 2.42 -10.47
CE MSE A 216 2.37 2.24 -8.18
N GLY A 217 7.19 3.23 -11.87
CA GLY A 217 8.41 2.44 -11.99
C GLY A 217 9.39 2.69 -10.85
N GLY A 218 10.62 2.22 -11.02
CA GLY A 218 11.61 2.28 -9.95
C GLY A 218 12.52 3.49 -9.91
N GLU A 219 12.31 4.47 -10.78
CA GLU A 219 13.22 5.63 -10.85
C GLU A 219 13.33 6.41 -9.55
N ASP A 220 12.21 6.82 -8.97
CA ASP A 220 12.27 7.63 -7.75
C ASP A 220 12.89 6.84 -6.60
N TRP A 221 12.50 5.58 -6.46
CA TRP A 221 13.07 4.68 -5.46
C TRP A 221 14.59 4.62 -5.56
N GLN A 222 15.09 4.48 -6.78
CA GLN A 222 16.50 4.46 -7.03
C GLN A 222 17.19 5.77 -6.66
N GLU A 223 16.59 6.90 -7.04
CA GLU A 223 17.09 8.20 -6.62
C GLU A 223 17.22 8.27 -5.10
N TRP A 224 16.15 7.87 -4.40
CA TRP A 224 16.19 7.86 -2.95
C TRP A 224 17.37 7.03 -2.44
N CYS A 225 17.52 5.82 -2.96
CA CYS A 225 18.57 4.93 -2.48
C CYS A 225 19.96 5.52 -2.72
N GLU A 226 20.13 6.18 -3.84
CA GLU A 226 21.44 6.78 -4.15
C GLU A 226 21.78 7.96 -3.26
N GLU A 227 20.83 8.86 -3.08
CA GLU A 227 20.98 10.00 -2.17
C GLU A 227 21.28 9.51 -0.76
N LEU A 228 20.49 8.55 -0.28
CA LEU A 228 20.70 7.98 1.04
C LEU A 228 22.08 7.33 1.13
N LEU A 229 22.45 6.54 0.12
CA LEU A 229 23.73 5.84 0.16
C LEU A 229 24.92 6.81 0.21
N TYR A 230 24.99 7.70 -0.77
CA TYR A 230 26.12 8.62 -0.90
C TYR A 230 26.18 9.69 0.17
N GLU A 231 25.06 9.93 0.85
CA GLU A 231 25.04 10.83 2.00
C GLU A 231 25.29 10.11 3.33
N ASP A 232 25.70 8.84 3.27
CA ASP A 232 26.08 8.07 4.46
C ASP A 232 24.89 7.89 5.42
N CYS A 233 23.70 7.68 4.86
CA CYS A 233 22.45 7.58 5.64
C CYS A 233 21.98 6.15 5.94
N PHE A 234 22.55 5.19 5.23
CA PHE A 234 22.24 3.78 5.45
C PHE A 234 23.19 3.16 6.45
N SER A 235 22.66 2.33 7.35
CA SER A 235 23.49 1.47 8.20
C SER A 235 24.14 0.40 7.34
N ASP A 236 25.27 -0.14 7.80
CA ASP A 236 25.83 -1.30 7.12
C ASP A 236 24.80 -2.42 7.06
N LYS A 237 24.76 -3.10 5.91
CA LYS A 237 23.81 -4.20 5.68
C LYS A 237 22.33 -3.76 5.65
N ALA A 238 22.07 -2.49 5.33
CA ALA A 238 20.69 -1.97 5.26
C ALA A 238 19.86 -2.65 4.16
N THR A 239 18.56 -2.80 4.41
CA THR A 239 17.63 -3.41 3.46
C THR A 239 16.69 -2.33 2.92
N THR A 240 16.42 -2.38 1.62
CA THR A 240 15.36 -1.55 1.06
C THR A 240 14.39 -2.41 0.25
N ILE A 241 13.10 -2.09 0.33
CA ILE A 241 12.05 -2.91 -0.28
C ILE A 241 11.03 -2.03 -0.99
N ALA A 242 10.54 -2.50 -2.14
CA ALA A 242 9.39 -1.91 -2.81
C ALA A 242 8.32 -2.99 -3.02
N TYR A 243 7.10 -2.57 -3.31
CA TYR A 243 6.00 -3.52 -3.41
C TYR A 243 5.43 -3.60 -4.80
N SER A 244 4.94 -4.80 -5.11
CA SER A 244 4.34 -5.06 -6.40
C SER A 244 3.17 -6.04 -6.30
N TYR A 245 2.54 -6.28 -7.43
CA TYR A 245 1.49 -7.28 -7.55
C TYR A 245 1.62 -8.01 -8.89
N ILE A 246 1.47 -9.32 -8.87
CA ILE A 246 1.46 -10.10 -10.09
C ILE A 246 0.06 -10.66 -10.40
N GLY A 247 -0.54 -11.33 -9.43
CA GLY A 247 -1.91 -11.84 -9.58
C GLY A 247 -2.07 -13.07 -10.44
N SER A 248 -3.32 -13.34 -10.83
CA SER A 248 -3.64 -14.50 -11.65
C SER A 248 -3.62 -14.13 -13.15
N PRO A 249 -3.48 -15.13 -14.04
CA PRO A 249 -3.48 -14.88 -15.49
C PRO A 249 -4.68 -14.06 -15.95
N ARG A 250 -5.80 -14.22 -15.26
CA ARG A 250 -7.03 -13.50 -15.55
C ARG A 250 -6.85 -11.98 -15.67
N THR A 251 -5.90 -11.42 -14.93
CA THR A 251 -5.66 -9.97 -14.99
C THR A 251 -4.26 -9.58 -15.50
N TYR A 252 -3.58 -10.51 -16.17
CA TYR A 252 -2.24 -10.24 -16.72
C TYR A 252 -2.22 -9.07 -17.70
N LYS A 253 -3.29 -8.95 -18.49
CA LYS A 253 -3.40 -7.83 -19.43
C LYS A 253 -3.21 -6.47 -18.77
N ILE A 254 -3.60 -6.38 -17.50
CA ILE A 254 -3.43 -5.16 -16.73
C ILE A 254 -2.11 -5.15 -15.96
N TYR A 255 -1.90 -6.20 -15.18
CA TYR A 255 -0.87 -6.17 -14.16
C TYR A 255 0.51 -6.68 -14.57
N ARG A 256 0.59 -7.34 -15.72
CA ARG A 256 1.91 -7.77 -16.21
C ARG A 256 2.23 -7.17 -17.58
N GLU A 257 1.23 -7.16 -18.47
CA GLU A 257 1.42 -6.71 -19.84
C GLU A 257 1.05 -5.25 -20.06
N GLY A 258 0.13 -4.72 -19.26
CA GLY A 258 -0.34 -3.35 -19.41
C GLY A 258 0.57 -2.30 -18.79
N THR A 259 0.06 -1.06 -18.72
CA THR A 259 0.86 0.06 -18.24
C THR A 259 1.40 -0.18 -16.83
N ILE A 260 0.56 -0.74 -15.96
CA ILE A 260 1.00 -1.06 -14.60
C ILE A 260 2.09 -2.13 -14.66
N GLY A 261 1.88 -3.14 -15.48
CA GLY A 261 2.85 -4.22 -15.63
C GLY A 261 4.20 -3.74 -16.14
N ILE A 262 4.16 -2.80 -17.07
CA ILE A 262 5.38 -2.21 -17.61
C ILE A 262 6.12 -1.42 -16.52
N ALA A 263 5.37 -0.67 -15.71
CA ALA A 263 5.95 0.09 -14.61
C ALA A 263 6.58 -0.83 -13.55
N LYS A 264 5.89 -1.92 -13.25
CA LYS A 264 6.36 -2.87 -12.25
C LYS A 264 7.61 -3.63 -12.68
N LYS A 265 7.73 -3.90 -13.99
CA LYS A 265 8.95 -4.49 -14.53
C LYS A 265 10.12 -3.51 -14.44
N ASP A 266 9.86 -2.22 -14.65
CA ASP A 266 10.84 -1.17 -14.41
C ASP A 266 11.25 -1.16 -12.93
N LEU A 267 10.27 -1.26 -12.03
CA LEU A 267 10.53 -1.35 -10.60
C LEU A 267 11.44 -2.54 -10.26
N GLU A 268 11.10 -3.70 -10.80
CA GLU A 268 11.87 -4.93 -10.63
C GLU A 268 13.30 -4.79 -11.16
N ASP A 269 13.44 -4.18 -12.34
CA ASP A 269 14.77 -3.95 -12.91
C ASP A 269 15.61 -3.04 -12.03
N LYS A 270 15.01 -1.96 -11.52
CA LYS A 270 15.73 -1.04 -10.63
C LYS A 270 16.13 -1.72 -9.31
N ALA A 271 15.25 -2.56 -8.74
CA ALA A 271 15.56 -3.33 -7.55
C ALA A 271 16.89 -4.09 -7.70
N LYS A 272 17.10 -4.69 -8.88
CA LYS A 272 18.33 -5.42 -9.17
C LYS A 272 19.57 -4.53 -9.13
N LEU A 273 19.45 -3.34 -9.71
CA LEU A 273 20.56 -2.39 -9.77
C LEU A 273 20.85 -1.78 -8.39
N ILE A 274 19.80 -1.52 -7.63
CA ILE A 274 19.95 -1.02 -6.27
C ILE A 274 20.59 -2.10 -5.41
N ASN A 275 20.11 -3.33 -5.55
CA ASN A 275 20.65 -4.46 -4.82
C ASN A 275 22.15 -4.62 -5.03
N GLU A 276 22.57 -4.67 -6.28
CA GLU A 276 24.00 -4.81 -6.64
C GLU A 276 24.84 -3.71 -5.99
N LYS A 277 24.40 -2.46 -6.12
CA LYS A 277 25.11 -1.34 -5.53
C LYS A 277 25.17 -1.40 -4.00
N LEU A 278 24.02 -1.54 -3.35
CA LEU A 278 24.00 -1.60 -1.89
C LEU A 278 24.85 -2.77 -1.39
N ASN A 279 24.81 -3.88 -2.11
CA ASN A 279 25.59 -5.05 -1.68
C ASN A 279 27.08 -4.73 -1.73
N ARG A 280 27.52 -4.13 -2.83
CA ARG A 280 28.92 -3.79 -3.05
C ARG A 280 29.43 -2.74 -2.06
N VAL A 281 28.60 -1.75 -1.75
CA VAL A 281 29.04 -0.59 -0.96
C VAL A 281 28.87 -0.77 0.56
N ILE A 282 27.75 -1.35 0.99
CA ILE A 282 27.46 -1.48 2.42
C ILE A 282 27.06 -2.91 2.83
N GLY A 283 27.14 -3.85 1.91
CA GLY A 283 26.75 -5.23 2.21
C GLY A 283 25.23 -5.32 2.41
N GLY A 284 24.53 -4.36 1.83
CA GLY A 284 23.08 -4.26 2.00
C GLY A 284 22.37 -4.96 0.87
N ARG A 285 21.08 -4.68 0.71
CA ARG A 285 20.30 -5.33 -0.30
C ARG A 285 19.00 -4.59 -0.61
N ALA A 286 18.43 -4.94 -1.77
CA ALA A 286 17.17 -4.40 -2.24
C ALA A 286 16.41 -5.53 -2.91
N PHE A 287 15.09 -5.51 -2.77
CA PHE A 287 14.25 -6.46 -3.50
C PHE A 287 12.82 -5.97 -3.55
N VAL A 288 12.08 -6.51 -4.52
CA VAL A 288 10.65 -6.25 -4.59
C VAL A 288 9.93 -7.38 -3.87
N SER A 289 8.97 -7.01 -3.03
CA SER A 289 8.07 -7.98 -2.46
C SER A 289 6.77 -7.97 -3.27
N VAL A 290 6.42 -9.11 -3.85
CA VAL A 290 5.18 -9.22 -4.61
C VAL A 290 4.09 -9.66 -3.65
N ASN A 291 3.13 -8.76 -3.44
CA ASN A 291 2.10 -8.97 -2.44
C ASN A 291 0.81 -9.55 -3.03
N LYS A 292 -0.14 -9.81 -2.15
CA LYS A 292 -1.39 -10.42 -2.56
C LYS A 292 -2.45 -9.36 -2.91
N ALA A 293 -3.54 -9.83 -3.51
CA ALA A 293 -4.69 -9.00 -3.83
C ALA A 293 -5.37 -8.48 -2.56
N LEU A 294 -5.58 -7.17 -2.54
CA LEU A 294 -6.31 -6.49 -1.48
C LEU A 294 -7.23 -5.48 -2.14
N VAL A 295 -8.22 -5.03 -1.39
CA VAL A 295 -9.18 -4.05 -1.87
C VAL A 295 -8.53 -2.68 -1.77
N THR A 296 -8.49 -1.96 -2.88
CA THR A 296 -7.99 -0.58 -2.84
C THR A 296 -8.90 0.27 -3.70
N LYS A 297 -8.88 1.57 -3.46
CA LYS A 297 -9.58 2.52 -4.34
C LYS A 297 -9.16 2.43 -5.80
N ALA A 298 -7.85 2.33 -6.04
CA ALA A 298 -7.37 2.38 -7.42
C ALA A 298 -7.76 1.15 -8.24
N SER A 299 -7.96 0.01 -7.59
CA SER A 299 -8.34 -1.20 -8.32
C SER A 299 -9.85 -1.40 -8.31
N ALA A 300 -10.56 -0.63 -7.55
CA ALA A 300 -11.98 -0.68 -7.64
C ALA A 300 -12.30 -0.12 -9.01
N TYR A 301 -13.23 -0.75 -9.69
CA TYR A 301 -13.57 -0.28 -11.01
C TYR A 301 -12.55 -0.57 -12.11
N ILE A 302 -11.40 -1.17 -11.83
CA ILE A 302 -10.73 -1.75 -12.94
C ILE A 302 -11.40 -3.09 -13.20
N PRO A 303 -11.64 -3.40 -14.46
CA PRO A 303 -12.45 -4.55 -14.80
C PRO A 303 -11.87 -5.88 -14.36
N THR A 304 -12.70 -6.67 -13.69
CA THR A 304 -12.39 -8.07 -13.49
C THR A 304 -11.48 -8.34 -12.27
N PHE A 305 -10.96 -7.29 -11.62
CA PHE A 305 -10.02 -7.51 -10.52
C PHE A 305 -10.87 -7.62 -9.24
N PRO A 306 -11.85 -6.73 -9.08
CA PRO A 306 -12.63 -6.60 -7.82
C PRO A 306 -13.44 -7.84 -7.57
N LEU A 307 -13.99 -8.42 -8.63
CA LEU A 307 -14.70 -9.67 -8.50
C LEU A 307 -13.72 -10.78 -8.15
N TYR A 308 -12.59 -10.83 -8.87
CA TYR A 308 -11.52 -11.76 -8.53
C TYR A 308 -11.17 -11.68 -7.03
N ALA A 309 -10.93 -10.47 -6.53
CA ALA A 309 -10.60 -10.25 -5.11
C ALA A 309 -11.70 -10.73 -4.16
N ALA A 310 -12.96 -10.46 -4.51
CA ALA A 310 -14.08 -10.89 -3.67
C ALA A 310 -14.18 -12.41 -3.58
N ILE A 311 -13.94 -13.08 -4.71
CA ILE A 311 -13.95 -14.54 -4.75
C ILE A 311 -12.74 -15.08 -3.99
N LEU A 312 -11.58 -14.46 -4.23
CA LEU A 312 -10.34 -14.84 -3.56
C LEU A 312 -10.50 -14.77 -2.05
N TYR A 313 -11.10 -13.69 -1.55
CA TYR A 313 -11.34 -13.52 -0.12
C TYR A 313 -12.14 -14.69 0.44
N LYS A 314 -13.22 -15.08 -0.25
CA LYS A 314 -14.07 -16.17 0.21
C LYS A 314 -13.29 -17.49 0.26
N VAL A 315 -12.59 -17.80 -0.81
CA VAL A 315 -11.82 -19.05 -0.91
C VAL A 315 -10.77 -19.16 0.20
N MSE A 316 -9.99 -18.10 0.37
CA MSE A 316 -8.87 -18.12 1.30
C MSE A 316 -9.32 -18.07 2.75
O MSE A 316 -8.69 -18.67 3.62
CB MSE A 316 -7.89 -16.98 0.99
CG MSE A 316 -7.27 -17.11 -0.41
SE MSE A 316 -5.91 -15.77 -0.77
CE MSE A 316 -4.50 -16.48 0.37
N LYS A 317 -10.44 -17.39 3.01
CA LYS A 317 -11.04 -17.38 4.35
C LYS A 317 -11.54 -18.77 4.70
N GLU A 318 -12.16 -19.44 3.73
CA GLU A 318 -12.61 -20.82 3.90
C GLU A 318 -11.42 -21.74 4.19
N LYS A 319 -10.31 -21.50 3.51
CA LYS A 319 -9.09 -22.30 3.68
C LYS A 319 -8.20 -21.85 4.85
N ASN A 320 -8.67 -20.87 5.63
CA ASN A 320 -7.94 -20.31 6.77
C ASN A 320 -6.59 -19.68 6.44
N ILE A 321 -6.46 -19.14 5.23
CA ILE A 321 -5.20 -18.55 4.82
C ILE A 321 -5.36 -17.10 4.35
N HIS A 322 -6.50 -16.49 4.68
CA HIS A 322 -6.76 -15.11 4.28
C HIS A 322 -5.87 -14.14 5.04
N GLU A 323 -5.41 -13.11 4.34
CA GLU A 323 -4.62 -12.07 4.98
C GLU A 323 -5.07 -10.72 4.47
N ASN A 324 -5.19 -9.77 5.38
CA ASN A 324 -5.37 -8.38 5.00
C ASN A 324 -3.98 -7.74 4.92
N CYS A 325 -3.92 -6.43 4.75
CA CYS A 325 -2.68 -5.71 4.58
C CYS A 325 -1.68 -5.91 5.73
N ILE A 326 -2.14 -5.70 6.96
CA ILE A 326 -1.26 -5.80 8.13
C ILE A 326 -0.74 -7.23 8.34
N MSE A 327 -1.59 -8.22 8.07
CA MSE A 327 -1.20 -9.63 8.18
C MSE A 327 -0.13 -10.00 7.16
O MSE A 327 0.84 -10.68 7.49
CB MSE A 327 -2.41 -10.55 8.05
CG MSE A 327 -3.41 -10.39 9.20
SE MSE A 327 -5.07 -11.36 8.86
CE MSE A 327 -4.42 -13.19 9.12
N GLN A 328 -0.31 -9.55 5.92
CA GLN A 328 0.71 -9.71 4.87
C GLN A 328 2.09 -9.22 5.33
N ILE A 329 2.13 -7.96 5.78
CA ILE A 329 3.37 -7.32 6.23
C ILE A 329 3.99 -8.04 7.43
N GLU A 330 3.17 -8.35 8.43
CA GLU A 330 3.63 -9.05 9.64
C GLU A 330 4.32 -10.36 9.28
N ARG A 331 3.66 -11.19 8.47
CA ARG A 331 4.25 -12.44 8.02
C ARG A 331 5.51 -12.20 7.19
N MSE A 332 5.47 -11.22 6.30
CA MSE A 332 6.63 -10.90 5.47
C MSE A 332 7.86 -10.67 6.37
O MSE A 332 8.89 -11.32 6.18
CB MSE A 332 6.36 -9.68 4.59
CG MSE A 332 7.49 -9.34 3.62
SE MSE A 332 7.21 -7.60 2.78
CE MSE A 332 7.36 -6.44 4.34
N PHE A 333 7.71 -9.79 7.35
CA PHE A 333 8.81 -9.46 8.25
C PHE A 333 9.21 -10.63 9.17
N SER A 334 8.24 -11.24 9.87
CA SER A 334 8.61 -12.22 10.88
C SER A 334 8.95 -13.61 10.35
N GLU A 335 8.37 -13.99 9.22
CA GLU A 335 8.63 -15.33 8.68
C GLU A 335 9.64 -15.38 7.54
N LYS A 336 9.83 -14.29 6.82
CA LYS A 336 10.71 -14.32 5.64
C LYS A 336 11.93 -13.41 5.74
N ILE A 337 11.73 -12.15 6.10
CA ILE A 337 12.84 -11.18 6.10
C ILE A 337 13.70 -11.24 7.36
N TYR A 338 13.07 -11.15 8.52
CA TYR A 338 13.82 -11.09 9.77
C TYR A 338 13.74 -12.39 10.59
N SER A 339 13.55 -13.50 9.89
CA SER A 339 13.46 -14.80 10.54
C SER A 339 14.84 -15.39 10.81
N ASN A 340 14.85 -16.43 11.64
CA ASN A 340 16.01 -17.28 11.83
C ASN A 340 16.57 -17.75 10.49
N GLU A 341 15.71 -18.37 9.69
CA GLU A 341 16.08 -19.00 8.42
C GLU A 341 16.40 -18.01 7.30
N LYS A 342 17.15 -18.48 6.31
CA LYS A 342 17.50 -17.71 5.13
C LYS A 342 16.28 -17.30 4.30
N ILE A 343 16.37 -16.13 3.68
CA ILE A 343 15.29 -15.60 2.84
C ILE A 343 15.27 -16.28 1.48
N GLN A 344 14.08 -16.70 1.05
CA GLN A 344 13.90 -17.36 -0.24
C GLN A 344 13.19 -16.43 -1.23
N PHE A 345 13.84 -16.16 -2.35
CA PHE A 345 13.27 -15.37 -3.43
C PHE A 345 12.82 -16.32 -4.53
N ASP A 346 11.93 -15.85 -5.41
CA ASP A 346 11.60 -16.61 -6.62
C ASP A 346 12.80 -16.58 -7.57
N ASP A 347 12.65 -17.15 -8.76
CA ASP A 347 13.79 -17.24 -9.70
C ASP A 347 14.21 -15.90 -10.31
N LYS A 348 13.42 -14.85 -10.06
CA LYS A 348 13.77 -13.50 -10.52
C LYS A 348 14.17 -12.58 -9.37
N GLY A 349 14.50 -13.17 -8.22
CA GLY A 349 14.97 -12.41 -7.06
C GLY A 349 13.90 -11.66 -6.29
N ARG A 350 12.64 -11.97 -6.55
CA ARG A 350 11.53 -11.30 -5.87
C ARG A 350 11.10 -12.06 -4.62
N LEU A 351 10.77 -11.35 -3.55
CA LEU A 351 10.08 -11.98 -2.41
C LEU A 351 8.60 -12.16 -2.75
N ARG A 352 8.08 -13.38 -2.58
CA ARG A 352 6.69 -13.69 -2.92
C ARG A 352 5.76 -13.77 -1.70
N MSE A 353 4.98 -12.72 -1.48
CA MSE A 353 3.95 -12.74 -0.43
C MSE A 353 2.59 -13.16 -1.00
O MSE A 353 1.60 -13.24 -0.26
CB MSE A 353 3.89 -11.38 0.28
CG MSE A 353 5.16 -11.07 1.09
SE MSE A 353 5.71 -12.55 2.26
CE MSE A 353 4.14 -12.62 3.42
N ASP A 354 2.56 -13.42 -2.30
CA ASP A 354 1.37 -13.95 -2.98
C ASP A 354 1.45 -15.47 -3.11
N ASP A 355 2.33 -16.09 -2.32
CA ASP A 355 2.53 -17.53 -2.29
C ASP A 355 1.25 -18.29 -1.90
N LEU A 356 0.45 -17.71 -1.01
CA LEU A 356 -0.84 -18.31 -0.65
C LEU A 356 -1.93 -18.03 -1.69
N GLU A 357 -1.98 -16.79 -2.18
CA GLU A 357 -2.94 -16.40 -3.23
C GLU A 357 -2.81 -17.31 -4.45
N LEU A 358 -1.57 -17.52 -4.89
CA LEU A 358 -1.32 -18.26 -6.14
C LEU A 358 -1.17 -19.76 -5.93
N ARG A 359 -1.41 -20.22 -4.71
CA ARG A 359 -1.38 -21.65 -4.42
C ARG A 359 -2.39 -22.35 -5.34
N LYS A 360 -2.01 -23.50 -5.87
CA LYS A 360 -2.81 -24.18 -6.89
C LYS A 360 -4.25 -24.42 -6.46
N ASP A 361 -4.44 -25.00 -5.27
CA ASP A 361 -5.78 -25.28 -4.77
C ASP A 361 -6.64 -24.01 -4.68
N VAL A 362 -6.03 -22.89 -4.31
CA VAL A 362 -6.73 -21.61 -4.21
C VAL A 362 -7.21 -21.12 -5.59
N GLN A 363 -6.30 -21.12 -6.55
CA GLN A 363 -6.59 -20.68 -7.93
C GLN A 363 -7.59 -21.58 -8.65
N ASP A 364 -7.51 -22.89 -8.39
CA ASP A 364 -8.45 -23.86 -8.96
C ASP A 364 -9.87 -23.56 -8.49
N GLU A 365 -10.01 -23.22 -7.21
CA GLU A 365 -11.29 -22.90 -6.61
C GLU A 365 -11.86 -21.57 -7.11
N VAL A 366 -10.99 -20.55 -7.21
CA VAL A 366 -11.38 -19.26 -7.77
C VAL A 366 -11.95 -19.43 -9.19
N ASP A 367 -11.23 -20.18 -10.03
CA ASP A 367 -11.63 -20.41 -11.43
C ASP A 367 -12.94 -21.17 -11.53
N ARG A 368 -13.13 -22.11 -10.60
CA ARG A 368 -14.38 -22.87 -10.50
C ARG A 368 -15.56 -21.94 -10.17
N ILE A 369 -15.44 -21.18 -9.09
CA ILE A 369 -16.47 -20.23 -8.68
C ILE A 369 -16.73 -19.19 -9.78
N TRP A 370 -15.67 -18.73 -10.44
CA TRP A 370 -15.79 -17.78 -11.53
C TRP A 370 -16.75 -18.32 -12.60
N SER A 371 -16.64 -19.62 -12.88
CA SER A 371 -17.43 -20.26 -13.91
C SER A 371 -18.90 -20.43 -13.51
N ASN A 372 -19.21 -20.25 -12.22
CA ASN A 372 -20.60 -20.32 -11.74
C ASN A 372 -21.18 -18.98 -11.32
N ILE A 373 -20.33 -17.95 -11.27
CA ILE A 373 -20.77 -16.67 -10.71
C ILE A 373 -21.63 -15.87 -11.69
N THR A 374 -22.69 -15.28 -11.15
CA THR A 374 -23.65 -14.50 -11.93
C THR A 374 -23.85 -13.16 -11.23
N PRO A 375 -24.36 -12.15 -11.98
CA PRO A 375 -24.74 -10.88 -11.37
C PRO A 375 -25.80 -11.06 -10.28
N GLU A 376 -26.56 -12.15 -10.36
CA GLU A 376 -27.60 -12.48 -9.40
C GLU A 376 -27.03 -13.10 -8.10
N ASN A 377 -26.10 -14.05 -8.24
CA ASN A 377 -25.65 -14.85 -7.10
C ASN A 377 -24.32 -14.44 -6.46
N PHE A 378 -23.71 -13.36 -6.96
CA PHE A 378 -22.31 -13.04 -6.61
C PHE A 378 -22.09 -12.76 -5.12
N LYS A 379 -23.12 -12.27 -4.43
CA LYS A 379 -22.98 -11.98 -3.01
C LYS A 379 -22.91 -13.26 -2.17
N GLU A 380 -23.38 -14.38 -2.75
CA GLU A 380 -23.32 -15.67 -2.07
C GLU A 380 -22.11 -16.49 -2.46
N LEU A 381 -21.64 -16.31 -3.70
CA LEU A 381 -20.48 -17.08 -4.19
C LEU A 381 -19.14 -16.37 -3.99
N SER A 382 -19.18 -15.07 -3.70
CA SER A 382 -17.97 -14.32 -3.34
C SER A 382 -18.16 -13.61 -2.00
N ASP A 383 -17.06 -13.15 -1.41
CA ASP A 383 -17.10 -12.41 -0.15
C ASP A 383 -17.32 -10.93 -0.43
N TYR A 384 -18.50 -10.64 -0.98
CA TYR A 384 -18.91 -9.27 -1.23
C TYR A 384 -18.94 -8.47 0.07
N LYS A 385 -19.45 -9.08 1.14
CA LYS A 385 -19.57 -8.39 2.41
C LYS A 385 -18.19 -7.89 2.85
N GLY A 386 -17.21 -8.79 2.85
CA GLY A 386 -15.85 -8.45 3.26
C GLY A 386 -15.20 -7.46 2.32
N TYR A 387 -15.47 -7.60 1.02
CA TYR A 387 -14.95 -6.69 0.01
C TYR A 387 -15.48 -5.29 0.30
N LYS A 388 -16.80 -5.16 0.43
CA LYS A 388 -17.42 -3.87 0.71
C LYS A 388 -16.90 -3.25 2.01
N LYS A 389 -16.85 -4.05 3.07
CA LYS A 389 -16.36 -3.57 4.37
C LYS A 389 -14.94 -2.97 4.26
N GLU A 390 -14.05 -3.71 3.62
CA GLU A 390 -12.69 -3.24 3.42
C GLU A 390 -12.68 -1.93 2.62
N PHE A 391 -13.55 -1.85 1.61
CA PHE A 391 -13.66 -0.62 0.82
C PHE A 391 -14.10 0.56 1.69
N MSE A 392 -15.13 0.34 2.51
CA MSE A 392 -15.65 1.37 3.40
C MSE A 392 -14.60 1.80 4.42
O MSE A 392 -14.48 2.99 4.74
CB MSE A 392 -16.90 0.89 4.14
CG MSE A 392 -18.06 0.45 3.25
SE MSE A 392 -18.69 1.85 2.04
CE MSE A 392 -17.54 1.51 0.54
N ASN A 393 -13.86 0.81 4.93
CA ASN A 393 -12.83 1.05 5.94
C ASN A 393 -11.75 2.00 5.45
N LEU A 394 -11.50 2.00 4.13
CA LEU A 394 -10.49 2.88 3.51
C LEU A 394 -10.78 4.36 3.78
N ASN A 395 -12.07 4.70 3.91
CA ASN A 395 -12.45 6.06 4.32
C ASN A 395 -12.87 6.18 5.79
N GLY A 396 -12.63 5.13 6.58
CA GLY A 396 -12.96 5.14 8.01
C GLY A 396 -14.41 4.83 8.33
N PHE A 397 -15.12 4.25 7.37
CA PHE A 397 -16.51 3.84 7.57
C PHE A 397 -16.65 2.36 7.81
N ASP A 398 -17.74 2.00 8.50
CA ASP A 398 -18.09 0.63 8.83
C ASP A 398 -17.03 -0.10 9.66
N LEU A 399 -16.43 0.61 10.63
CA LEU A 399 -15.54 -0.03 11.58
C LEU A 399 -16.32 -0.35 12.83
N ASP A 400 -16.29 -1.63 13.22
CA ASP A 400 -16.90 -2.07 14.47
C ASP A 400 -16.31 -1.27 15.63
N GLY A 401 -17.17 -0.84 16.55
CA GLY A 401 -16.73 -0.10 17.74
C GLY A 401 -16.69 1.40 17.56
N VAL A 402 -16.98 1.88 16.35
CA VAL A 402 -17.08 3.32 16.10
C VAL A 402 -18.55 3.72 16.08
N ASP A 403 -18.88 4.77 16.82
CA ASP A 403 -20.23 5.33 16.86
C ASP A 403 -20.41 6.36 15.75
N TYR A 404 -21.08 5.97 14.68
CA TYR A 404 -21.24 6.83 13.50
C TYR A 404 -22.41 7.80 13.61
N SER A 405 -23.20 7.69 14.67
CA SER A 405 -24.24 8.66 14.96
C SER A 405 -23.66 9.86 15.72
N LYS A 406 -22.47 9.68 16.29
CA LYS A 406 -21.81 10.75 17.04
C LYS A 406 -21.27 11.83 16.11
N ASP A 407 -21.56 13.09 16.45
CA ASP A 407 -21.06 14.24 15.69
C ASP A 407 -19.56 14.46 15.92
N LEU A 408 -18.89 15.02 14.93
CA LEU A 408 -17.45 15.24 14.99
C LEU A 408 -17.12 16.70 15.22
N ASP A 409 -16.17 16.94 16.13
CA ASP A 409 -15.69 18.28 16.41
C ASP A 409 -14.63 18.67 15.38
N ILE A 410 -15.03 19.49 14.40
CA ILE A 410 -14.17 19.85 13.27
C ILE A 410 -13.04 20.83 13.67
N GLU A 411 -13.28 21.66 14.67
CA GLU A 411 -12.25 22.56 15.19
C GLU A 411 -11.17 21.80 15.96
N LEU A 412 -11.58 20.72 16.63
CA LEU A 412 -10.66 19.83 17.34
C LEU A 412 -9.77 19.05 16.35
N LEU A 413 -10.38 18.60 15.26
CA LEU A 413 -9.66 17.87 14.22
C LEU A 413 -8.63 18.76 13.51
N ARG A 414 -9.03 20.01 13.26
CA ARG A 414 -8.14 21.05 12.73
C ARG A 414 -6.90 21.26 13.59
N LYS A 415 -7.03 21.02 14.89
CA LYS A 415 -5.94 21.20 15.85
C LYS A 415 -4.84 20.15 15.75
N LEU A 416 -5.20 18.96 15.27
CA LEU A 416 -4.27 17.83 15.23
C LEU A 416 -3.13 18.05 14.24
N GLU A 417 -1.92 17.75 14.69
CA GLU A 417 -0.71 17.98 13.88
C GLU A 417 0.01 16.67 13.58
N PRO A 418 0.55 16.55 12.37
CA PRO A 418 1.42 15.41 12.09
C PRO A 418 2.85 15.71 12.55
NA NA B . 1.65 2.70 0.83
#